data_8EQD
#
_entry.id   8EQD
#
_cell.length_a   125.900
_cell.length_b   125.900
_cell.length_c   55.216
_cell.angle_alpha   90.000
_cell.angle_beta   90.000
_cell.angle_gamma   120.000
#
_symmetry.space_group_name_H-M   'P 32 2 1'
#
loop_
_entity.id
_entity.type
_entity.pdbx_description
1 polymer 'Eukaryotic translation initiation factor 2-alpha kinase 3'
2 non-polymer (2R)-N-[(4M)-4-(4-amino-2,7-dimethyl-7H-pyrrolo[2,3-d]pyrimidin-5-yl)-3-methylphenyl]-2-(3-fluorophenyl)-2-hydroxyacetamide
#
_entity_poly.entity_id   1
_entity_poly.type   'polypeptide(L)'
_entity_poly.pdbx_seq_one_letter_code
;GSSSWNDIKNSGYISRYLTDFEPIQCLGRGGFGVVFEAKNKVDDCNYAIKRIRLPNRELAREKVMREVKALAKLEHPGIV
RYFNAWLEAPPEKWQEKLQPSSPKVYLYIQMQLCRKENLKDWMNGRCTIEERERSVCLHIFLQIAEAVEFLHSKGLMHRN
LKPSNIFFTMDDVVKVGDFGLVTAMDQDEEEQTVLTPMPAYARHTGQVGTKLYMSPEQIHGNSYSHKVDIFSLGLILFEL
LYPFSTQMERVRTLTDVRNLKFPPLFTQKYPCEYVMVQDMLSPSPMERPEAINIIENAVFEDLDFPGKTVLRQRSRS
;
_entity_poly.pdbx_strand_id   AAA
#
# COMPACT_ATOMS: atom_id res chain seq x y z
N TYR A 13 -23.34 -9.90 22.41
CA TYR A 13 -24.13 -9.48 23.61
C TYR A 13 -23.91 -7.99 23.87
N ILE A 14 -22.65 -7.60 24.11
CA ILE A 14 -22.16 -6.21 24.33
C ILE A 14 -20.80 -6.10 23.67
N SER A 15 -20.74 -5.52 22.46
CA SER A 15 -19.55 -5.51 21.57
C SER A 15 -18.56 -4.44 22.02
N ARG A 16 -17.26 -4.80 22.03
CA ARG A 16 -16.13 -3.93 22.44
C ARG A 16 -16.07 -2.71 21.51
N TYR A 17 -16.17 -2.94 20.21
CA TYR A 17 -16.18 -1.90 19.14
C TYR A 17 -17.34 -0.93 19.37
N LEU A 18 -18.55 -1.45 19.62
CA LEU A 18 -19.80 -0.67 19.72
C LEU A 18 -19.77 0.22 20.98
N THR A 19 -19.25 -0.31 22.09
CA THR A 19 -19.24 0.37 23.42
C THR A 19 -18.19 1.49 23.42
N ASP A 20 -17.00 1.24 22.87
CA ASP A 20 -15.80 2.12 23.02
C ASP A 20 -15.74 3.17 21.91
N PHE A 21 -16.20 2.83 20.69
CA PHE A 21 -16.18 3.72 19.49
C PHE A 21 -17.61 3.97 18.97
N GLU A 22 -17.87 5.16 18.43
CA GLU A 22 -19.10 5.51 17.68
C GLU A 22 -18.75 5.61 16.20
N PRO A 23 -19.24 4.69 15.34
CA PRO A 23 -18.89 4.70 13.91
C PRO A 23 -19.23 6.00 13.18
N ILE A 24 -18.38 6.40 12.23
CA ILE A 24 -18.55 7.59 11.34
C ILE A 24 -19.03 7.10 9.97
N GLN A 25 -18.29 6.17 9.36
CA GLN A 25 -18.57 5.62 8.00
C GLN A 25 -17.70 4.38 7.75
N CYS A 26 -17.85 3.78 6.55
CA CYS A 26 -16.97 2.72 6.00
C CYS A 26 -15.99 3.36 5.00
N LEU A 27 -14.86 2.68 4.72
CA LEU A 27 -13.76 3.19 3.86
C LEU A 27 -13.38 2.15 2.80
N GLY A 28 -13.06 0.93 3.24
CA GLY A 28 -12.48 -0.14 2.39
C GLY A 28 -13.42 -1.32 2.21
N ARG A 29 -13.32 -1.99 1.07
CA ARG A 29 -14.08 -3.22 0.69
C ARG A 29 -13.11 -4.41 0.81
N GLY A 30 -13.48 -5.42 1.59
CA GLY A 30 -12.58 -6.51 2.01
C GLY A 30 -12.33 -7.53 0.92
N GLY A 31 -11.13 -8.10 0.89
CA GLY A 31 -10.72 -9.19 -0.02
C GLY A 31 -10.41 -10.47 0.74
N GLY A 33 -10.91 -7.89 4.36
CA GLY A 33 -11.93 -7.54 5.37
C GLY A 33 -12.35 -6.08 5.31
N VAL A 34 -13.44 -5.74 6.00
CA VAL A 34 -14.07 -4.38 6.01
C VAL A 34 -13.19 -3.42 6.81
N VAL A 35 -13.27 -2.12 6.51
CA VAL A 35 -12.52 -1.03 7.22
C VAL A 35 -13.47 0.14 7.48
N PHE A 36 -13.67 0.50 8.76
CA PHE A 36 -14.55 1.60 9.23
C PHE A 36 -13.70 2.78 9.75
N GLU A 37 -14.27 3.99 9.69
CA GLU A 37 -13.79 5.20 10.42
C GLU A 37 -14.63 5.37 11.68
N ALA A 38 -14.04 5.16 12.86
CA ALA A 38 -14.74 5.16 14.17
C ALA A 38 -13.98 6.04 15.16
N LYS A 39 -14.69 6.97 15.81
CA LYS A 39 -14.17 7.85 16.89
C LYS A 39 -14.12 7.07 18.20
N ASN A 40 -12.93 6.90 18.79
CA ASN A 40 -12.76 6.41 20.18
C ASN A 40 -13.39 7.45 21.11
N LYS A 41 -14.37 7.03 21.90
CA LYS A 41 -15.20 7.93 22.77
C LYS A 41 -14.30 8.58 23.84
N VAL A 42 -13.38 7.81 24.41
CA VAL A 42 -12.51 8.23 25.56
C VAL A 42 -11.53 9.32 25.08
N ASP A 43 -10.68 9.00 24.10
CA ASP A 43 -9.60 9.90 23.62
C ASP A 43 -10.12 10.80 22.49
N ASP A 44 -11.37 10.59 22.05
CA ASP A 44 -12.10 11.50 21.13
C ASP A 44 -11.29 11.76 19.86
N CYS A 45 -10.53 10.76 19.38
CA CYS A 45 -9.81 10.78 18.08
C CYS A 45 -10.47 9.78 17.13
N ASN A 46 -10.49 10.11 15.82
CA ASN A 46 -10.99 9.22 14.75
C ASN A 46 -9.86 8.29 14.31
N TYR A 47 -10.17 7.01 14.11
CA TYR A 47 -9.22 5.94 13.72
C TYR A 47 -9.77 5.15 12.54
N ALA A 48 -8.89 4.46 11.81
CA ALA A 48 -9.24 3.43 10.80
C ALA A 48 -9.26 2.07 11.51
N ILE A 49 -10.41 1.40 11.52
CA ILE A 49 -10.62 0.11 12.26
C ILE A 49 -10.95 -0.99 11.24
N LYS A 50 -9.97 -1.83 10.94
CA LYS A 50 -10.12 -3.02 10.04
C LYS A 50 -10.79 -4.14 10.85
N ARG A 51 -11.96 -4.60 10.40
CA ARG A 51 -12.68 -5.78 10.95
C ARG A 51 -12.41 -6.99 10.04
N ILE A 52 -11.83 -8.06 10.59
CA ILE A 52 -11.53 -9.32 9.87
C ILE A 52 -12.38 -10.44 10.46
N ARG A 53 -12.94 -11.31 9.60
CA ARG A 53 -13.59 -12.59 10.00
C ARG A 53 -12.51 -13.68 10.00
N LEU A 54 -12.05 -14.10 11.18
CA LEU A 54 -10.91 -15.04 11.36
C LEU A 54 -11.27 -16.42 10.82
N PRO A 55 -10.27 -17.24 10.44
CA PRO A 55 -10.53 -18.58 9.90
C PRO A 55 -11.04 -19.57 10.95
N ASN A 56 -12.05 -20.37 10.59
CA ASN A 56 -12.68 -21.41 11.46
C ASN A 56 -11.68 -22.54 11.70
N ARG A 57 -10.84 -22.86 10.72
CA ARG A 57 -9.65 -23.73 10.89
C ARG A 57 -8.80 -23.14 12.02
N GLU A 58 -8.55 -23.94 13.07
CA GLU A 58 -7.92 -23.49 14.35
C GLU A 58 -6.43 -23.17 14.14
N LEU A 59 -5.70 -23.97 13.35
CA LEU A 59 -4.23 -23.84 13.19
C LEU A 59 -3.90 -22.72 12.19
N ALA A 60 -4.81 -22.42 11.26
CA ALA A 60 -4.75 -21.25 10.35
C ALA A 60 -4.87 -19.95 11.16
N ARG A 61 -5.65 -19.99 12.24
CA ARG A 61 -5.89 -18.85 13.18
C ARG A 61 -4.58 -18.51 13.91
N GLU A 62 -3.92 -19.52 14.48
CA GLU A 62 -2.67 -19.38 15.27
C GLU A 62 -1.62 -18.66 14.41
N LYS A 63 -1.53 -18.99 13.12
CA LYS A 63 -0.64 -18.33 12.13
C LYS A 63 -1.02 -16.84 12.03
N VAL A 64 -2.32 -16.53 11.92
CA VAL A 64 -2.82 -15.12 11.76
C VAL A 64 -2.40 -14.31 12.99
N MET A 65 -2.55 -14.88 14.19
CA MET A 65 -2.21 -14.21 15.48
C MET A 65 -0.71 -13.89 15.51
N ARG A 66 0.15 -14.90 15.29
CA ARG A 66 1.63 -14.75 15.21
C ARG A 66 1.98 -13.54 14.33
N GLU A 67 1.17 -13.29 13.30
CA GLU A 67 1.35 -12.17 12.34
C GLU A 67 1.01 -10.84 13.03
N VAL A 68 -0.19 -10.72 13.63
CA VAL A 68 -0.64 -9.48 14.31
C VAL A 68 0.38 -9.16 15.43
N LYS A 69 0.95 -10.20 16.03
CA LYS A 69 1.99 -10.09 17.10
C LYS A 69 3.25 -9.46 16.51
N ALA A 70 3.72 -9.96 15.36
CA ALA A 70 4.93 -9.49 14.65
C ALA A 70 4.63 -8.21 13.86
N LEU A 71 3.34 -7.93 13.58
CA LEU A 71 2.87 -6.69 12.89
C LEU A 71 2.86 -5.53 13.88
N ALA A 72 2.27 -5.74 15.07
CA ALA A 72 2.18 -4.74 16.16
C ALA A 72 3.58 -4.21 16.50
N LYS A 73 4.57 -5.09 16.53
CA LYS A 73 6.01 -4.76 16.76
C LYS A 73 6.46 -3.64 15.80
N LEU A 74 6.00 -3.68 14.54
CA LEU A 74 6.45 -2.77 13.46
C LEU A 74 6.24 -1.32 13.87
N GLU A 75 7.25 -0.48 13.62
CA GLU A 75 7.22 0.99 13.83
C GLU A 75 8.18 1.62 12.82
N HIS A 76 7.66 2.45 11.92
CA HIS A 76 8.42 3.07 10.79
C HIS A 76 7.61 4.24 10.26
N PRO A 77 8.24 5.31 9.72
CA PRO A 77 7.49 6.50 9.30
C PRO A 77 6.60 6.28 8.06
N GLY A 78 7.05 5.42 7.14
CA GLY A 78 6.30 5.04 5.92
C GLY A 78 5.17 4.06 6.19
N ILE A 79 5.21 3.39 7.35
CA ILE A 79 4.18 2.40 7.83
C ILE A 79 3.13 3.16 8.65
N VAL A 80 1.85 2.81 8.48
CA VAL A 80 0.72 3.40 9.27
C VAL A 80 0.90 3.03 10.74
N ARG A 81 0.57 3.95 11.64
CA ARG A 81 0.73 3.75 13.12
C ARG A 81 -0.34 2.78 13.62
N TYR A 82 0.08 1.75 14.35
CA TYR A 82 -0.79 0.78 15.07
C TYR A 82 -1.20 1.38 16.42
N PHE A 83 -2.38 1.01 16.94
CA PHE A 83 -2.92 1.46 18.24
C PHE A 83 -3.35 0.27 19.10
N ASN A 84 -4.27 -0.57 18.62
CA ASN A 84 -4.80 -1.71 19.40
C ASN A 84 -5.37 -2.78 18.45
N ALA A 85 -5.27 -4.05 18.86
CA ALA A 85 -5.85 -5.23 18.19
C ALA A 85 -6.58 -6.08 19.23
N TRP A 86 -7.84 -6.44 18.97
CA TRP A 86 -8.69 -7.21 19.91
C TRP A 86 -9.67 -8.09 19.15
N LEU A 87 -10.23 -9.10 19.83
CA LEU A 87 -11.13 -10.14 19.26
C LEU A 87 -12.55 -9.91 19.77
N GLU A 88 -13.54 -10.30 18.95
CA GLU A 88 -14.98 -10.36 19.31
C GLU A 88 -15.56 -11.68 18.77
N ALA A 89 -16.27 -12.42 19.61
CA ALA A 89 -17.06 -13.62 19.24
C ALA A 89 -18.54 -13.32 19.49
N PRO A 90 -19.23 -12.63 18.56
CA PRO A 90 -20.61 -12.20 18.80
C PRO A 90 -21.58 -13.36 18.66
N PRO A 91 -22.85 -13.20 19.08
CA PRO A 91 -23.84 -14.26 18.96
C PRO A 91 -24.38 -14.29 17.53
N GLU A 92 -24.50 -15.49 16.94
CA GLU A 92 -25.06 -15.68 15.57
C GLU A 92 -26.44 -15.01 15.53
N LYS A 93 -26.56 -13.90 14.80
CA LYS A 93 -27.77 -13.04 14.74
C LYS A 93 -28.97 -13.90 14.33
N TRP A 94 -28.72 -14.96 13.54
CA TRP A 94 -29.72 -15.96 13.08
C TRP A 94 -28.99 -17.12 12.39
N LYS A 104 -18.45 -17.84 15.03
CA LYS A 104 -17.59 -16.91 14.25
C LYS A 104 -16.92 -15.92 15.21
N VAL A 105 -15.62 -15.68 15.02
CA VAL A 105 -14.79 -14.73 15.82
C VAL A 105 -14.22 -13.67 14.87
N TYR A 106 -14.31 -12.38 15.25
CA TYR A 106 -13.76 -11.23 14.48
C TYR A 106 -12.48 -10.72 15.16
N LEU A 107 -11.51 -10.29 14.35
CA LEU A 107 -10.28 -9.59 14.81
C LEU A 107 -10.38 -8.13 14.36
N TYR A 108 -10.66 -7.22 15.30
CA TYR A 108 -10.63 -5.74 15.10
C TYR A 108 -9.19 -5.25 15.22
N ILE A 109 -8.79 -4.30 14.36
CA ILE A 109 -7.45 -3.65 14.38
C ILE A 109 -7.62 -2.14 14.21
N GLN A 110 -7.16 -1.38 15.20
CA GLN A 110 -7.25 0.10 15.29
C GLN A 110 -5.94 0.68 14.75
N MET A 111 -6.04 1.48 13.67
CA MET A 111 -4.88 2.08 12.95
C MET A 111 -5.11 3.58 12.80
N GLN A 112 -4.03 4.36 12.82
CA GLN A 112 -4.02 5.83 12.57
C GLN A 112 -4.86 6.14 11.33
N LEU A 113 -5.91 6.95 11.45
CA LEU A 113 -6.74 7.41 10.30
C LEU A 113 -5.90 8.40 9.48
N CYS A 114 -5.71 8.09 8.19
CA CYS A 114 -4.93 8.90 7.23
C CYS A 114 -5.85 9.89 6.51
N ARG A 115 -5.30 10.66 5.56
CA ARG A 115 -6.01 11.71 4.79
C ARG A 115 -6.99 11.05 3.81
N LYS A 116 -8.19 11.61 3.67
CA LYS A 116 -9.26 11.15 2.73
C LYS A 116 -8.70 11.11 1.30
N GLU A 117 -7.87 12.08 0.95
CA GLU A 117 -7.11 12.14 -0.34
C GLU A 117 -5.94 11.16 -0.25
N ASN A 118 -6.05 9.99 -0.91
CA ASN A 118 -4.95 9.00 -1.05
C ASN A 118 -4.11 9.37 -2.28
N LEU A 119 -3.12 8.55 -2.64
CA LEU A 119 -2.17 8.85 -3.76
C LEU A 119 -2.92 8.88 -5.09
N LYS A 120 -3.90 7.99 -5.28
CA LYS A 120 -4.77 7.96 -6.48
C LYS A 120 -5.49 9.30 -6.60
N ASP A 121 -6.20 9.73 -5.55
CA ASP A 121 -6.93 11.01 -5.47
C ASP A 121 -5.98 12.16 -5.81
N TRP A 122 -4.78 12.16 -5.21
CA TRP A 122 -3.72 13.19 -5.38
C TRP A 122 -3.31 13.26 -6.86
N MET A 123 -3.04 12.11 -7.47
CA MET A 123 -2.52 11.97 -8.86
C MET A 123 -3.58 12.43 -9.87
N ASN A 124 -4.86 12.10 -9.62
CA ASN A 124 -5.99 12.42 -10.54
C ASN A 124 -6.42 13.89 -10.37
N GLY A 125 -5.85 14.61 -9.39
CA GLY A 125 -6.00 16.07 -9.24
C GLY A 125 -4.92 16.84 -9.98
N ARG A 126 -3.84 16.15 -10.38
CA ARG A 126 -2.63 16.74 -11.02
C ARG A 126 -2.37 16.03 -12.34
N CYS A 127 -2.98 16.52 -13.43
CA CYS A 127 -2.98 15.91 -14.79
C CYS A 127 -1.90 16.54 -15.69
N THR A 128 -1.29 17.66 -15.26
CA THR A 128 -0.25 18.40 -16.02
C THR A 128 1.14 17.94 -15.56
N ILE A 129 2.09 17.83 -16.50
CA ILE A 129 3.50 17.40 -16.25
C ILE A 129 4.17 18.44 -15.34
N GLU A 130 3.64 19.68 -15.31
CA GLU A 130 4.04 20.76 -14.37
C GLU A 130 3.63 20.39 -12.95
N GLU A 131 2.33 20.17 -12.72
CA GLU A 131 1.73 19.85 -11.40
C GLU A 131 2.39 18.59 -10.81
N ARG A 132 2.92 17.72 -11.67
CA ARG A 132 3.83 16.59 -11.30
C ARG A 132 5.27 17.09 -11.35
N GLU A 133 5.63 18.01 -10.44
CA GLU A 133 6.99 18.57 -10.28
C GLU A 133 7.94 17.44 -9.86
N ARG A 134 9.08 17.31 -10.55
CA ARG A 134 10.05 16.19 -10.40
C ARG A 134 10.48 16.05 -8.94
N SER A 135 10.73 17.17 -8.24
CA SER A 135 11.19 17.21 -6.83
C SER A 135 10.16 16.55 -5.90
N VAL A 136 8.88 16.88 -6.09
CA VAL A 136 7.74 16.42 -5.22
C VAL A 136 7.54 14.91 -5.42
N CYS A 137 7.56 14.45 -6.67
CA CYS A 137 7.27 13.05 -7.07
C CYS A 137 8.36 12.10 -6.58
N LEU A 138 9.63 12.45 -6.78
CA LEU A 138 10.79 11.64 -6.30
C LEU A 138 10.74 11.54 -4.77
N HIS A 139 10.43 12.64 -4.10
CA HIS A 139 10.25 12.73 -2.62
C HIS A 139 9.20 11.71 -2.19
N ILE A 140 7.98 11.80 -2.75
CA ILE A 140 6.83 10.91 -2.42
C ILE A 140 7.27 9.45 -2.58
N PHE A 141 7.78 9.08 -3.76
CA PHE A 141 8.15 7.69 -4.11
C PHE A 141 9.22 7.15 -3.14
N LEU A 142 10.19 7.98 -2.75
CA LEU A 142 11.29 7.58 -1.83
C LEU A 142 10.71 7.06 -0.52
N GLN A 143 9.70 7.77 0.02
CA GLN A 143 8.96 7.37 1.25
C GLN A 143 8.36 5.98 1.02
N ILE A 144 7.67 5.78 -0.10
CA ILE A 144 7.05 4.49 -0.52
C ILE A 144 8.15 3.43 -0.62
N ALA A 145 9.29 3.79 -1.22
CA ALA A 145 10.46 2.91 -1.43
C ALA A 145 11.06 2.52 -0.08
N GLU A 146 11.27 3.51 0.80
CA GLU A 146 11.89 3.33 2.14
C GLU A 146 11.00 2.43 3.01
N ALA A 147 9.68 2.63 2.95
CA ALA A 147 8.66 1.81 3.67
C ALA A 147 8.82 0.34 3.28
N VAL A 148 9.08 0.06 2.01
CA VAL A 148 9.23 -1.32 1.46
C VAL A 148 10.60 -1.87 1.90
N GLU A 149 11.65 -1.05 1.85
CA GLU A 149 13.01 -1.41 2.35
C GLU A 149 12.89 -1.98 3.77
N PHE A 150 12.20 -1.24 4.64
CA PHE A 150 11.91 -1.61 6.05
C PHE A 150 11.25 -2.99 6.07
N LEU A 151 10.04 -3.11 5.52
CA LEU A 151 9.26 -4.37 5.50
C LEU A 151 10.13 -5.51 4.95
N HIS A 152 10.84 -5.26 3.85
CA HIS A 152 11.74 -6.24 3.18
C HIS A 152 12.87 -6.66 4.12
N SER A 153 13.42 -5.70 4.89
CA SER A 153 14.52 -5.94 5.87
C SER A 153 14.04 -6.85 7.00
N LYS A 154 12.74 -6.80 7.33
CA LYS A 154 12.09 -7.60 8.41
C LYS A 154 11.66 -8.97 7.88
N GLY A 155 11.85 -9.25 6.59
CA GLY A 155 11.41 -10.49 5.93
C GLY A 155 9.91 -10.48 5.65
N LEU A 156 9.33 -9.29 5.48
CA LEU A 156 7.89 -9.07 5.13
C LEU A 156 7.81 -8.47 3.73
N MET A 157 6.69 -8.71 3.01
CA MET A 157 6.40 -8.09 1.71
C MET A 157 4.97 -7.52 1.74
N HIS A 158 4.79 -6.32 1.20
CA HIS A 158 3.53 -5.52 1.24
C HIS A 158 2.45 -6.21 0.41
N ARG A 159 2.68 -6.36 -0.90
CA ARG A 159 1.82 -7.11 -1.86
C ARG A 159 0.45 -6.44 -2.02
N ASN A 160 0.35 -5.15 -1.74
CA ASN A 160 -0.89 -4.35 -1.94
C ASN A 160 -0.50 -2.91 -2.31
N LEU A 161 0.63 -2.75 -3.00
CA LEU A 161 1.19 -1.44 -3.42
C LEU A 161 0.41 -0.94 -4.65
N LYS A 162 -0.27 0.19 -4.51
CA LYS A 162 -1.05 0.87 -5.59
C LYS A 162 -1.53 2.22 -5.07
N PRO A 163 -1.75 3.22 -5.95
CA PRO A 163 -2.15 4.56 -5.51
C PRO A 163 -3.38 4.57 -4.59
N SER A 164 -4.34 3.67 -4.87
CA SER A 164 -5.59 3.50 -4.09
C SER A 164 -5.26 3.13 -2.64
N ASN A 165 -4.10 2.49 -2.42
CA ASN A 165 -3.64 1.98 -1.10
C ASN A 165 -2.26 2.57 -0.75
N ILE A 166 -2.03 3.83 -1.13
CA ILE A 166 -0.93 4.71 -0.61
C ILE A 166 -1.60 5.97 -0.05
N PHE A 167 -1.23 6.40 1.15
CA PHE A 167 -1.96 7.43 1.93
C PHE A 167 -1.03 8.57 2.37
N PHE A 168 -1.65 9.71 2.71
CA PHE A 168 -1.02 10.89 3.36
C PHE A 168 -1.64 11.06 4.75
N THR A 169 -0.83 11.45 5.74
CA THR A 169 -1.28 11.80 7.11
C THR A 169 -1.74 13.27 7.10
N MET A 170 -2.33 13.75 8.20
CA MET A 170 -2.64 15.20 8.39
C MET A 170 -1.33 15.99 8.47
N ASP A 171 -0.19 15.27 8.47
CA ASP A 171 1.19 15.84 8.50
C ASP A 171 1.82 15.73 7.10
N ASP A 172 1.04 15.35 6.09
CA ASP A 172 1.46 15.24 4.65
C ASP A 172 2.65 14.27 4.52
N VAL A 173 2.68 13.21 5.34
CA VAL A 173 3.72 12.13 5.30
C VAL A 173 3.13 10.92 4.56
N VAL A 174 3.86 10.39 3.58
CA VAL A 174 3.41 9.25 2.73
C VAL A 174 3.37 7.98 3.58
N LYS A 175 2.37 7.14 3.36
CA LYS A 175 2.11 5.90 4.13
C LYS A 175 1.72 4.76 3.17
N VAL A 176 2.54 3.71 3.10
CA VAL A 176 2.18 2.44 2.40
C VAL A 176 0.98 1.84 3.13
N GLY A 177 -0.11 1.58 2.39
CA GLY A 177 -1.44 1.29 2.94
C GLY A 177 -1.56 -0.13 3.51
N ASP A 178 -2.80 -0.58 3.68
CA ASP A 178 -3.17 -1.89 4.30
C ASP A 178 -2.37 -3.02 3.65
N PHE A 179 -1.92 -3.99 4.47
CA PHE A 179 -1.19 -5.19 4.04
C PHE A 179 -1.22 -6.24 5.16
N GLY A 180 -0.74 -7.45 4.86
CA GLY A 180 -0.70 -8.59 5.79
C GLY A 180 -2.11 -9.03 6.20
N LEU A 181 -2.20 -10.08 7.02
CA LEU A 181 -3.48 -10.65 7.53
C LEU A 181 -4.37 -10.97 6.33
N VAL A 182 -3.87 -11.85 5.45
CA VAL A 182 -4.51 -12.24 4.16
C VAL A 182 -5.79 -13.03 4.43
N THR A 183 -5.75 -13.98 5.38
CA THR A 183 -6.85 -14.92 5.74
C THR A 183 -7.22 -15.79 4.53
N ALA A 184 -6.24 -16.11 3.67
CA ALA A 184 -6.37 -16.91 2.43
C ALA A 184 -7.68 -16.56 1.70
N THR A 210 -8.20 -4.47 -8.50
CA THR A 210 -7.31 -4.15 -9.66
C THR A 210 -6.05 -5.01 -9.58
N LYS A 211 -5.63 -5.59 -10.71
CA LYS A 211 -4.40 -6.43 -10.86
C LYS A 211 -3.40 -5.71 -11.76
N LEU A 212 -3.49 -4.37 -11.81
CA LEU A 212 -2.76 -3.51 -12.79
C LEU A 212 -1.32 -3.30 -12.29
N TYR A 213 -1.13 -3.20 -10.98
CA TYR A 213 0.18 -2.96 -10.31
C TYR A 213 0.79 -4.27 -9.80
N MET A 214 -0.01 -5.34 -9.76
CA MET A 214 0.46 -6.72 -9.46
C MET A 214 1.47 -7.16 -10.53
N SER A 215 2.55 -7.82 -10.13
CA SER A 215 3.53 -8.45 -11.04
C SER A 215 2.89 -9.68 -11.69
N PRO A 216 3.41 -10.18 -12.83
CA PRO A 216 2.83 -11.35 -13.50
C PRO A 216 2.75 -12.57 -12.57
N GLU A 217 3.88 -12.97 -11.99
CA GLU A 217 4.02 -14.13 -11.06
C GLU A 217 3.01 -14.03 -9.91
N GLN A 218 2.63 -12.81 -9.53
CA GLN A 218 1.62 -12.53 -8.47
C GLN A 218 0.21 -12.84 -8.99
N ILE A 219 -0.05 -12.53 -10.27
CA ILE A 219 -1.40 -12.70 -10.91
C ILE A 219 -1.64 -14.19 -11.19
N HIS A 220 -0.63 -14.91 -11.69
CA HIS A 220 -0.65 -16.38 -11.90
C HIS A 220 0.54 -17.02 -11.17
N GLY A 221 0.27 -17.73 -10.07
CA GLY A 221 1.27 -18.33 -9.17
C GLY A 221 0.84 -18.20 -7.71
N ASN A 222 1.80 -17.96 -6.82
CA ASN A 222 1.58 -17.83 -5.35
C ASN A 222 2.18 -16.51 -4.83
N SER A 223 2.54 -15.58 -5.74
CA SER A 223 3.21 -14.28 -5.46
C SER A 223 4.55 -14.54 -4.75
N TYR A 224 5.38 -15.40 -5.36
CA TYR A 224 6.43 -16.22 -4.69
C TYR A 224 7.44 -15.36 -3.94
N SER A 225 7.91 -14.27 -4.53
CA SER A 225 9.06 -13.46 -4.04
C SER A 225 8.58 -12.07 -3.56
N HIS A 226 9.36 -11.43 -2.69
CA HIS A 226 9.19 -10.03 -2.24
C HIS A 226 9.39 -9.07 -3.43
N LYS A 227 10.07 -9.53 -4.48
CA LYS A 227 10.34 -8.77 -5.72
C LYS A 227 9.04 -8.14 -6.25
N VAL A 228 7.90 -8.83 -6.09
CA VAL A 228 6.56 -8.38 -6.59
C VAL A 228 6.30 -6.93 -6.16
N ASP A 229 6.79 -6.53 -4.98
CA ASP A 229 6.69 -5.14 -4.47
C ASP A 229 7.56 -4.21 -5.33
N ILE A 230 8.77 -4.64 -5.67
CA ILE A 230 9.72 -3.87 -6.53
C ILE A 230 9.01 -3.53 -7.84
N PHE A 231 8.40 -4.52 -8.48
CA PHE A 231 7.66 -4.39 -9.76
C PHE A 231 6.60 -3.29 -9.62
N SER A 232 5.75 -3.40 -8.59
CA SER A 232 4.67 -2.43 -8.28
C SER A 232 5.27 -1.02 -8.14
N LEU A 233 6.37 -0.88 -7.41
CA LEU A 233 7.12 0.40 -7.23
C LEU A 233 7.41 1.00 -8.61
N GLY A 234 7.93 0.19 -9.54
CA GLY A 234 8.22 0.57 -10.93
C GLY A 234 7.07 1.35 -11.55
N LEU A 235 5.91 0.71 -11.68
CA LEU A 235 4.69 1.28 -12.32
C LEU A 235 4.23 2.54 -11.57
N ILE A 236 4.38 2.56 -10.24
CA ILE A 236 4.01 3.71 -9.37
C ILE A 236 4.91 4.90 -9.76
N LEU A 237 6.24 4.71 -9.71
CA LEU A 237 7.25 5.76 -10.06
C LEU A 237 6.88 6.36 -11.42
N PHE A 238 6.65 5.52 -12.42
CA PHE A 238 6.21 5.94 -13.77
C PHE A 238 4.98 6.84 -13.62
N GLU A 239 3.86 6.29 -13.15
CA GLU A 239 2.56 7.00 -13.07
C GLU A 239 2.72 8.32 -12.31
N LEU A 240 3.58 8.35 -11.29
CA LEU A 240 3.93 9.58 -10.51
C LEU A 240 4.52 10.63 -11.46
N LEU A 241 5.49 10.24 -12.28
CA LEU A 241 6.24 11.14 -13.20
C LEU A 241 5.39 11.45 -14.44
N TYR A 242 4.78 10.43 -15.05
CA TYR A 242 4.00 10.52 -16.32
C TYR A 242 2.52 10.71 -16.02
N PRO A 243 1.95 11.91 -16.21
CA PRO A 243 0.52 12.15 -15.97
C PRO A 243 -0.40 11.43 -16.95
N PHE A 244 -1.71 11.44 -16.65
CA PHE A 244 -2.76 10.75 -17.46
C PHE A 244 -3.99 11.64 -17.60
N SER A 245 -4.65 11.53 -18.76
CA SER A 245 -5.87 12.29 -19.17
C SER A 245 -7.11 11.47 -18.84
N THR A 246 -7.16 10.23 -19.35
CA THR A 246 -8.33 9.31 -19.26
C THR A 246 -7.92 8.01 -18.56
N GLN A 247 -8.91 7.26 -18.05
CA GLN A 247 -8.74 5.87 -17.55
C GLN A 247 -8.29 4.98 -18.71
N MET A 248 -8.89 5.17 -19.90
CA MET A 248 -8.49 4.49 -21.16
C MET A 248 -6.98 4.59 -21.32
N GLU A 249 -6.43 5.81 -21.27
CA GLU A 249 -4.98 6.10 -21.45
C GLU A 249 -4.20 5.40 -20.34
N ARG A 250 -4.56 5.67 -19.07
CA ARG A 250 -3.97 5.03 -17.86
C ARG A 250 -3.77 3.53 -18.13
N VAL A 251 -4.87 2.81 -18.34
CA VAL A 251 -4.89 1.33 -18.54
C VAL A 251 -3.97 1.00 -19.73
N ARG A 252 -4.24 1.60 -20.89
CA ARG A 252 -3.53 1.34 -22.18
C ARG A 252 -2.03 1.52 -21.97
N THR A 253 -1.61 2.68 -21.43
CA THR A 253 -0.19 3.07 -21.25
C THR A 253 0.49 2.14 -20.24
N LEU A 254 -0.16 1.89 -19.10
CA LEU A 254 0.40 1.08 -17.98
C LEU A 254 0.51 -0.39 -18.42
N THR A 255 -0.52 -0.90 -19.11
CA THR A 255 -0.52 -2.27 -19.71
C THR A 255 0.67 -2.41 -20.66
N ASP A 256 1.00 -1.34 -21.39
CA ASP A 256 2.18 -1.26 -22.29
C ASP A 256 3.45 -1.24 -21.44
N VAL A 257 3.53 -0.35 -20.45
CA VAL A 257 4.72 -0.13 -19.57
C VAL A 257 5.03 -1.43 -18.80
N ARG A 258 4.00 -2.21 -18.47
CA ARG A 258 4.15 -3.57 -17.87
C ARG A 258 5.04 -4.43 -18.78
N ASN A 259 4.86 -4.32 -20.10
CA ASN A 259 5.59 -5.10 -21.13
C ASN A 259 6.77 -4.26 -21.67
N LEU A 260 7.08 -3.14 -21.02
CA LEU A 260 8.28 -2.28 -21.27
C LEU A 260 8.09 -1.46 -22.55
N LYS A 261 6.85 -1.07 -22.88
CA LYS A 261 6.52 -0.11 -23.96
C LYS A 261 6.27 1.27 -23.33
N PHE A 262 7.32 2.09 -23.24
CA PHE A 262 7.32 3.42 -22.58
C PHE A 262 7.08 4.51 -23.62
N PRO A 263 6.13 5.44 -23.39
CA PRO A 263 6.02 6.66 -24.20
C PRO A 263 7.38 7.32 -24.41
N PRO A 264 7.75 7.71 -25.67
CA PRO A 264 9.07 8.28 -25.94
C PRO A 264 9.33 9.58 -25.17
N LEU A 265 8.29 10.40 -24.97
CA LEU A 265 8.32 11.68 -24.21
C LEU A 265 8.96 11.44 -22.84
N PHE A 266 8.51 10.40 -22.13
CA PHE A 266 9.00 9.98 -20.79
C PHE A 266 10.51 9.65 -20.89
N THR A 267 10.87 8.65 -21.70
CA THR A 267 12.24 8.10 -21.84
C THR A 267 13.24 9.25 -22.10
N GLN A 268 12.81 10.29 -22.83
CA GLN A 268 13.61 11.49 -23.15
C GLN A 268 13.71 12.39 -21.91
N LYS A 269 12.56 12.80 -21.35
CA LYS A 269 12.45 13.77 -20.23
C LYS A 269 13.19 13.24 -19.00
N TYR A 270 12.88 12.02 -18.57
CA TYR A 270 13.45 11.34 -17.37
C TYR A 270 14.23 10.11 -17.83
N PRO A 271 15.54 10.24 -18.15
CA PRO A 271 16.34 9.10 -18.62
C PRO A 271 16.82 8.15 -17.53
N CYS A 272 17.28 8.68 -16.38
CA CYS A 272 17.83 7.93 -15.23
C CYS A 272 16.72 7.16 -14.51
N GLU A 273 15.54 7.79 -14.38
CA GLU A 273 14.32 7.19 -13.77
C GLU A 273 13.86 6.02 -14.64
N TYR A 274 13.85 6.23 -15.96
CA TYR A 274 13.53 5.21 -17.00
C TYR A 274 14.43 3.98 -16.83
N VAL A 275 15.72 4.19 -16.49
CA VAL A 275 16.69 3.09 -16.23
C VAL A 275 16.19 2.26 -15.04
N MET A 276 15.79 2.92 -13.95
CA MET A 276 15.26 2.29 -12.71
C MET A 276 13.97 1.55 -13.06
N VAL A 277 12.99 2.27 -13.62
CA VAL A 277 11.62 1.74 -13.90
C VAL A 277 11.77 0.46 -14.74
N GLN A 278 12.69 0.45 -15.71
CA GLN A 278 13.11 -0.76 -16.47
C GLN A 278 13.59 -1.83 -15.48
N ASP A 279 14.64 -1.51 -14.71
CA ASP A 279 15.27 -2.40 -13.69
C ASP A 279 14.17 -2.95 -12.76
N MET A 280 13.33 -2.08 -12.22
CA MET A 280 12.24 -2.44 -11.25
C MET A 280 11.22 -3.36 -11.95
N LEU A 281 10.96 -3.15 -13.25
CA LEU A 281 9.97 -3.93 -14.03
C LEU A 281 10.62 -5.18 -14.66
N SER A 282 11.96 -5.29 -14.59
CA SER A 282 12.75 -6.40 -15.20
C SER A 282 11.93 -7.69 -15.18
N PRO A 283 11.66 -8.32 -16.34
CA PRO A 283 10.65 -9.38 -16.43
C PRO A 283 11.00 -10.65 -15.61
N SER A 284 12.29 -10.93 -15.39
CA SER A 284 12.79 -11.99 -14.48
C SER A 284 12.99 -11.40 -13.09
N PRO A 285 12.15 -11.76 -12.09
CA PRO A 285 12.18 -11.07 -10.79
C PRO A 285 13.60 -10.91 -10.23
N MET A 286 14.41 -11.97 -10.31
CA MET A 286 15.80 -12.02 -9.78
C MET A 286 16.62 -10.84 -10.32
N GLU A 287 16.31 -10.36 -11.53
CA GLU A 287 17.01 -9.23 -12.20
C GLU A 287 16.72 -7.92 -11.46
N ARG A 288 15.52 -7.78 -10.88
CA ARG A 288 15.00 -6.52 -10.29
C ARG A 288 15.86 -6.11 -9.10
N PRO A 289 16.07 -4.80 -8.87
CA PRO A 289 16.85 -4.32 -7.74
C PRO A 289 16.15 -4.57 -6.39
N GLU A 290 16.93 -4.73 -5.32
CA GLU A 290 16.41 -4.79 -3.92
C GLU A 290 15.99 -3.38 -3.51
N ALA A 291 15.00 -3.27 -2.63
CA ALA A 291 14.42 -2.00 -2.13
C ALA A 291 15.55 -1.03 -1.74
N ILE A 292 16.60 -1.54 -1.10
CA ILE A 292 17.81 -0.78 -0.65
C ILE A 292 18.49 -0.13 -1.86
N ASN A 293 18.73 -0.90 -2.93
CA ASN A 293 19.49 -0.48 -4.14
C ASN A 293 18.80 0.73 -4.79
N ILE A 294 17.46 0.76 -4.75
CA ILE A 294 16.62 1.84 -5.34
C ILE A 294 16.87 3.12 -4.53
N ILE A 295 16.67 3.07 -3.21
CA ILE A 295 16.84 4.23 -2.28
C ILE A 295 18.26 4.79 -2.46
N GLU A 296 19.26 3.92 -2.45
CA GLU A 296 20.69 4.27 -2.71
C GLU A 296 20.89 4.46 -4.22
N ASN A 297 20.37 5.58 -4.75
CA ASN A 297 20.49 5.96 -6.18
C ASN A 297 20.79 7.46 -6.28
N ALA A 298 21.49 7.86 -7.33
CA ALA A 298 21.91 9.25 -7.62
C ALA A 298 20.71 10.19 -7.65
N VAL A 299 19.58 9.74 -8.23
CA VAL A 299 18.33 10.53 -8.36
C VAL A 299 17.86 10.94 -6.95
N PHE A 300 17.95 10.02 -5.98
CA PHE A 300 17.55 10.23 -4.56
C PHE A 300 18.66 10.97 -3.83
N GLU A 301 18.78 12.27 -4.12
CA GLU A 301 19.75 13.23 -3.55
C GLU A 301 19.30 14.63 -4.03
N ASP A 302 20.11 15.66 -3.79
CA ASP A 302 19.85 17.06 -4.25
C ASP A 302 18.57 17.59 -3.58
N LEU A 303 18.14 16.96 -2.48
CA LEU A 303 16.90 17.29 -1.73
C LEU A 303 17.10 16.94 -0.25
#